data_2DXR
#
_entry.id   2DXR
#
_cell.length_a   63.382
_cell.length_b   50.391
_cell.length_c   65.856
_cell.angle_alpha   90.00
_cell.angle_beta   107.78
_cell.angle_gamma   90.00
#
_symmetry.space_group_name_H-M   'P 1 21 1'
#
loop_
_entity.id
_entity.type
_entity.pdbx_description
1 polymer Lactotransferrin
2 branched alpha-D-mannopyranose-(1-4)-[alpha-D-mannopyranose-(1-6)]alpha-D-mannopyranose-(1-4)-2-acetamido-2-deoxy-beta-D-glucopyranose-(1-4)-2-acetamido-2-deoxy-beta-D-glucopyranose
3 branched 2-acetamido-2-deoxy-beta-D-glucopyranose-(1-4)-2-acetamido-2-deoxy-beta-D-glucopyranose
4 branched alpha-D-mannopyranose-(1-4)-alpha-D-mannopyranose-(1-4)-alpha-D-mannopyranose-(1-4)-alpha-D-mannopyranose-(1-4)-2-acetamido-2-deoxy-beta-D-glucopyranose-(1-4)-2-acetamido-2-deoxy-beta-D-glucopyranose
5 non-polymer sorbitol
6 non-polymer 'FE (III) ION'
7 non-polymer 'CARBONATE ION'
8 non-polymer 'ZINC ION'
9 non-polymer 'SULFATE ION'
10 water water
#
_entity_poly.entity_id   1
_entity_poly.type   'polypeptide(L)'
_entity_poly.pdbx_seq_one_letter_code
;YTRVVWCAVGPEEQKKCQQWSQQSGQNVTCATASTTDDCIVLVLKGEADALNLDGGYIYTAGKCGLVPVLAENRKSSKHS
SLDCVLRPTEGYLAVAVVKKANEGLTWNSLKDKKSCHTAVDRTAGWNIPMGLIVNQTGSCAFDEFFSQSCAPGADPKSRL
CALCAGDDQGLDKCVPNSKEKYYGYTGAFRCLAEDVGDVAFVKNDTVWENTNGESTADWAKNLKREDFRLLCLDGTRKPV
TEAQSCHLAVAPNHAVVSRSDRAAHVEQVLLHQQALFGKNGKNCPDKFCLFKSETKNLLFNDNTECLAKLGGRPTYEEYL
GTEYVTAIANLKKCSTSPLLEACAF
;
_entity_poly.pdbx_strand_id   A
#
# COMPACT_ATOMS: atom_id res chain seq x y z
N TYR A 1 -11.67 24.34 -15.03
CA TYR A 1 -10.61 24.32 -13.97
C TYR A 1 -9.37 23.55 -14.46
N THR A 2 -9.64 22.39 -15.06
CA THR A 2 -8.78 21.50 -15.89
C THR A 2 -7.26 21.18 -15.74
N ARG A 3 -6.53 21.69 -14.74
CA ARG A 3 -5.14 21.24 -14.53
C ARG A 3 -4.94 20.66 -13.13
N VAL A 4 -4.57 19.39 -13.06
CA VAL A 4 -4.42 18.65 -11.79
C VAL A 4 -2.97 18.64 -11.30
N VAL A 5 -2.77 18.93 -10.03
CA VAL A 5 -1.45 18.86 -9.37
C VAL A 5 -1.40 17.57 -8.55
N TRP A 6 -0.45 16.70 -8.88
CA TRP A 6 -0.33 15.39 -8.26
C TRP A 6 0.77 15.45 -7.22
N CYS A 7 0.59 14.76 -6.11
CA CYS A 7 1.59 14.81 -5.04
C CYS A 7 2.32 13.49 -5.00
N ALA A 8 3.64 13.58 -5.12
CA ALA A 8 4.48 12.40 -5.10
C ALA A 8 5.24 12.31 -3.78
N VAL A 9 5.33 11.09 -3.26
CA VAL A 9 6.01 10.80 -2.02
C VAL A 9 7.44 10.34 -2.31
N GLY A 10 8.40 11.24 -2.12
CA GLY A 10 9.81 10.93 -2.25
C GLY A 10 10.31 11.11 -3.66
N PRO A 11 11.65 11.08 -3.85
CA PRO A 11 12.38 11.27 -5.12
C PRO A 11 12.05 10.34 -6.29
N GLU A 12 11.74 9.07 -6.04
CA GLU A 12 11.50 8.13 -7.14
C GLU A 12 10.13 8.33 -7.76
N GLU A 13 9.13 8.58 -6.91
CA GLU A 13 7.77 8.88 -7.37
C GLU A 13 7.75 10.27 -8.02
N GLN A 14 8.55 11.21 -7.53
CA GLN A 14 8.70 12.49 -8.24
C GLN A 14 9.18 12.33 -9.68
N LYS A 15 10.14 11.43 -9.93
CA LYS A 15 10.65 11.34 -11.28
C LYS A 15 9.64 10.72 -12.24
N LYS A 16 8.89 9.73 -11.81
CA LYS A 16 7.84 9.16 -12.67
C LYS A 16 6.72 10.18 -12.92
N CYS A 17 6.55 11.09 -11.98
CA CYS A 17 5.47 12.06 -12.04
C CYS A 17 5.87 13.12 -13.06
N GLN A 18 7.14 13.53 -13.00
CA GLN A 18 7.69 14.46 -13.98
C GLN A 18 7.45 13.91 -15.39
N GLN A 19 7.72 12.62 -15.58
CA GLN A 19 7.52 11.96 -16.86
C GLN A 19 6.06 11.99 -17.32
N TRP A 20 5.16 11.64 -16.41
CA TRP A 20 3.73 11.69 -16.65
C TRP A 20 3.33 13.10 -17.01
N SER A 21 3.91 14.07 -16.33
CA SER A 21 3.64 15.48 -16.59
C SER A 21 4.07 15.93 -17.99
N GLN A 22 5.29 15.59 -18.38
CA GLN A 22 5.84 15.77 -19.73
C GLN A 22 4.91 15.29 -20.85
N GLN A 23 4.57 13.99 -20.83
CA GLN A 23 3.71 13.33 -21.82
C GLN A 23 2.26 13.80 -21.81
N SER A 24 1.88 14.55 -20.80
CA SER A 24 0.52 15.01 -20.72
C SER A 24 0.40 16.46 -21.20
N GLY A 25 1.52 17.05 -21.56
CA GLY A 25 1.53 18.45 -21.95
C GLY A 25 1.01 19.34 -20.85
N GLN A 26 1.58 19.20 -19.65
CA GLN A 26 1.19 19.99 -18.49
C GLN A 26 -0.26 19.84 -18.02
N ASN A 27 -0.97 18.80 -18.45
CA ASN A 27 -2.32 18.59 -17.92
C ASN A 27 -2.24 18.14 -16.45
N VAL A 28 -1.10 17.58 -16.09
CA VAL A 28 -0.84 17.11 -14.73
C VAL A 28 0.53 17.65 -14.31
N THR A 29 0.57 18.20 -13.10
CA THR A 29 1.77 18.81 -12.55
C THR A 29 2.12 18.15 -11.21
N CYS A 30 3.37 18.26 -10.77
CA CYS A 30 3.83 17.54 -9.58
C CYS A 30 4.27 18.42 -8.40
N ALA A 31 3.81 18.05 -7.21
CA ALA A 31 4.33 18.59 -5.98
C ALA A 31 4.95 17.41 -5.27
N THR A 32 5.98 17.63 -4.47
CA THR A 32 6.69 16.54 -3.78
C THR A 32 6.74 16.76 -2.29
N ALA A 33 6.65 15.67 -1.52
CA ALA A 33 6.85 15.71 -0.08
C ALA A 33 7.57 14.44 0.36
N SER A 34 8.16 14.46 1.55
CA SER A 34 8.95 13.33 1.99
C SER A 34 8.12 12.23 2.63
N THR A 35 6.82 12.43 2.79
CA THR A 35 5.98 11.40 3.39
C THR A 35 4.53 11.53 2.95
N THR A 36 3.77 10.45 3.11
CA THR A 36 2.38 10.42 2.71
C THR A 36 1.61 11.50 3.45
N ASP A 37 1.84 11.60 4.76
CA ASP A 37 1.17 12.60 5.59
C ASP A 37 1.37 14.03 5.07
N ASP A 38 2.60 14.39 4.74
CA ASP A 38 2.91 15.71 4.21
C ASP A 38 2.17 15.93 2.89
N CYS A 39 2.07 14.90 2.06
CA CYS A 39 1.28 15.03 0.84
C CYS A 39 -0.17 15.35 1.19
N ILE A 40 -0.73 14.78 2.26
CA ILE A 40 -2.13 15.03 2.62
C ILE A 40 -2.33 16.47 3.08
N VAL A 41 -1.39 16.94 3.90
CA VAL A 41 -1.31 18.35 4.27
C VAL A 41 -1.31 19.25 3.03
N LEU A 42 -0.45 18.96 2.06
CA LEU A 42 -0.41 19.76 0.82
C LEU A 42 -1.77 19.81 0.14
N VAL A 43 -2.49 18.70 0.14
CA VAL A 43 -3.80 18.66 -0.50
C VAL A 43 -4.83 19.52 0.27
N LEU A 44 -4.82 19.45 1.59
CA LEU A 44 -5.68 20.32 2.38
C LEU A 44 -5.39 21.78 2.04
N LYS A 45 -4.11 22.15 2.06
CA LYS A 45 -3.66 23.51 1.85
C LYS A 45 -4.13 24.05 0.52
N GLY A 46 -4.21 23.15 -0.45
CA GLY A 46 -4.66 23.53 -1.78
C GLY A 46 -3.51 23.56 -2.76
N GLU A 47 -2.33 23.16 -2.31
CA GLU A 47 -1.11 23.22 -3.11
C GLU A 47 -0.90 21.99 -3.99
N ALA A 48 -1.72 20.97 -3.80
CA ALA A 48 -1.72 19.77 -4.63
C ALA A 48 -3.17 19.28 -4.71
N ASP A 49 -3.55 18.56 -5.75
CA ASP A 49 -4.97 18.22 -5.92
C ASP A 49 -5.35 16.85 -5.37
N ALA A 50 -4.46 15.87 -5.53
CA ALA A 50 -4.81 14.46 -5.38
C ALA A 50 -3.56 13.59 -5.27
N LEU A 51 -3.71 12.41 -4.65
CA LEU A 51 -2.77 11.30 -4.67
C LEU A 51 -3.51 9.99 -4.39
N ASN A 52 -2.90 8.86 -4.77
CA ASN A 52 -3.44 7.53 -4.50
C ASN A 52 -3.04 7.07 -3.09
N LEU A 53 -3.99 6.54 -2.33
CA LEU A 53 -3.65 6.16 -0.96
C LEU A 53 -4.15 4.77 -0.60
N ASP A 54 -3.34 4.05 0.15
CA ASP A 54 -3.71 2.82 0.85
C ASP A 54 -4.83 3.14 1.82
N GLY A 55 -5.72 2.18 2.05
CA GLY A 55 -6.83 2.38 2.97
C GLY A 55 -6.45 3.05 4.28
N GLY A 56 -5.32 2.64 4.86
CA GLY A 56 -4.86 3.16 6.14
C GLY A 56 -4.78 4.67 6.20
N TYR A 57 -4.36 5.29 5.10
CA TYR A 57 -4.16 6.73 5.07
C TYR A 57 -5.50 7.37 4.72
N ILE A 58 -6.34 6.65 4.00
CA ILE A 58 -7.62 7.19 3.58
C ILE A 58 -8.36 7.52 4.85
N TYR A 59 -8.17 6.69 5.87
CA TYR A 59 -8.83 6.92 7.16
C TYR A 59 -8.33 8.25 7.73
N THR A 60 -7.02 8.46 7.75
CA THR A 60 -6.40 9.73 8.15
C THR A 60 -6.96 10.90 7.36
N ALA A 61 -6.77 10.85 6.04
CA ALA A 61 -7.22 11.91 5.13
C ALA A 61 -8.70 12.16 5.29
N GLY A 62 -9.45 11.12 5.61
CA GLY A 62 -10.90 11.19 5.63
C GLY A 62 -11.36 12.10 6.75
N LYS A 63 -10.82 11.85 7.94
CA LYS A 63 -11.08 12.69 9.12
C LYS A 63 -10.80 14.16 8.83
N CYS A 64 -10.01 14.42 7.78
CA CYS A 64 -9.63 15.79 7.41
C CYS A 64 -10.44 16.39 6.27
N GLY A 65 -11.45 15.67 5.79
CA GLY A 65 -12.35 16.19 4.74
C GLY A 65 -12.04 15.74 3.33
N LEU A 66 -10.99 14.94 3.16
CA LEU A 66 -10.64 14.45 1.83
C LEU A 66 -11.59 13.32 1.43
N VAL A 67 -11.81 13.12 0.15
CA VAL A 67 -12.77 12.11 -0.27
C VAL A 67 -12.19 11.19 -1.32
N PRO A 68 -12.55 9.90 -1.28
CA PRO A 68 -12.12 9.01 -2.35
C PRO A 68 -12.83 9.37 -3.64
N VAL A 69 -12.16 9.21 -4.77
CA VAL A 69 -12.62 9.67 -6.08
C VAL A 69 -12.78 8.45 -6.99
N LEU A 70 -11.66 7.76 -7.21
CA LEU A 70 -11.62 6.54 -8.01
C LEU A 70 -10.71 5.58 -7.29
N ALA A 71 -10.91 4.29 -7.55
CA ALA A 71 -10.15 3.26 -6.87
C ALA A 71 -9.41 2.42 -7.88
N GLU A 72 -8.30 1.82 -7.44
CA GLU A 72 -7.55 0.86 -8.22
C GLU A 72 -8.34 -0.44 -8.39
N ASN A 73 -8.41 -0.93 -9.62
CA ASN A 73 -9.01 -2.23 -9.90
C ASN A 73 -7.97 -3.10 -10.58
N ARG A 74 -7.74 -4.30 -10.06
CA ARG A 74 -6.85 -5.26 -10.71
C ARG A 74 -7.72 -6.28 -11.44
N LYS A 75 -7.16 -6.96 -12.44
CA LYS A 75 -7.91 -7.89 -13.28
C LYS A 75 -8.46 -9.11 -12.51
N SER A 76 -9.77 -9.22 -12.48
CA SER A 76 -10.41 -10.31 -11.76
C SER A 76 -10.95 -11.32 -12.75
N SER A 77 -11.33 -12.49 -12.23
CA SER A 77 -11.95 -13.52 -13.04
C SER A 77 -13.47 -13.34 -13.11
N LYS A 78 -14.10 -13.10 -11.96
CA LYS A 78 -15.54 -12.82 -11.90
C LYS A 78 -15.84 -11.34 -12.13
N HIS A 79 -17.04 -11.08 -12.66
CA HIS A 79 -17.42 -9.75 -13.14
C HIS A 79 -16.61 -9.45 -14.41
N SER A 80 -16.64 -10.39 -15.34
CA SER A 80 -15.89 -10.27 -16.59
C SER A 80 -16.72 -9.52 -17.64
N SER A 81 -18.04 -9.60 -17.54
CA SER A 81 -18.93 -8.89 -18.46
C SER A 81 -18.74 -7.36 -18.44
N LEU A 82 -18.55 -6.81 -17.25
CA LEU A 82 -18.44 -5.36 -17.07
C LEU A 82 -17.06 -4.77 -17.34
N ASP A 83 -17.05 -3.53 -17.81
CA ASP A 83 -15.80 -2.85 -18.14
C ASP A 83 -15.09 -2.44 -16.87
N CYS A 84 -13.77 -2.42 -16.92
CA CYS A 84 -12.97 -2.17 -15.73
C CYS A 84 -13.41 -0.92 -14.97
N VAL A 85 -13.73 0.15 -15.69
CA VAL A 85 -14.06 1.41 -15.04
C VAL A 85 -15.36 1.38 -14.23
N LEU A 86 -16.31 0.56 -14.66
CA LEU A 86 -17.62 0.47 -13.98
C LEU A 86 -17.68 -0.74 -13.04
N ARG A 87 -16.73 -1.65 -13.18
CA ARG A 87 -16.67 -2.91 -12.43
C ARG A 87 -16.38 -2.68 -10.94
N PRO A 88 -17.16 -3.35 -10.06
CA PRO A 88 -16.95 -3.21 -8.61
C PRO A 88 -15.56 -3.68 -8.18
N THR A 89 -14.97 -2.99 -7.20
CA THR A 89 -13.67 -3.36 -6.63
C THR A 89 -13.77 -4.57 -5.69
N GLU A 90 -12.76 -5.43 -5.72
CA GLU A 90 -12.82 -6.65 -4.92
C GLU A 90 -12.05 -6.60 -3.61
N GLY A 91 -11.14 -5.64 -3.47
CA GLY A 91 -10.31 -5.57 -2.28
C GLY A 91 -9.21 -6.62 -2.34
N TYR A 92 -8.23 -6.52 -1.46
CA TYR A 92 -7.15 -7.47 -1.55
C TYR A 92 -6.96 -8.20 -0.22
N LEU A 93 -6.17 -9.27 -0.27
CA LEU A 93 -5.99 -10.10 0.91
C LEU A 93 -4.75 -9.70 1.69
N ALA A 94 -4.92 -9.22 2.91
CA ALA A 94 -3.79 -9.02 3.79
C ALA A 94 -3.29 -10.42 4.15
N VAL A 95 -1.99 -10.69 4.11
CA VAL A 95 -1.49 -12.00 4.58
C VAL A 95 -0.22 -11.80 5.36
N ALA A 96 0.15 -12.81 6.14
CA ALA A 96 1.44 -12.81 6.81
C ALA A 96 2.27 -13.91 6.21
N VAL A 97 3.49 -13.59 5.77
CA VAL A 97 4.30 -14.57 5.04
C VAL A 97 5.57 -14.92 5.79
N VAL A 98 6.06 -16.14 5.61
CA VAL A 98 7.29 -16.61 6.26
C VAL A 98 8.07 -17.55 5.32
N LYS A 99 9.31 -17.84 5.69
CA LYS A 99 10.10 -18.87 5.01
C LYS A 99 9.65 -20.26 5.39
N LYS A 100 9.48 -21.13 4.39
CA LYS A 100 9.14 -22.52 4.66
C LYS A 100 10.21 -23.18 5.52
N ALA A 101 11.48 -22.90 5.22
CA ALA A 101 12.59 -23.43 5.98
C ALA A 101 12.50 -23.03 7.46
N ASN A 102 11.83 -21.94 7.76
CA ASN A 102 11.67 -21.48 9.14
C ASN A 102 10.50 -22.26 9.76
N GLU A 103 10.71 -23.56 9.95
CA GLU A 103 9.68 -24.47 10.44
C GLU A 103 9.28 -24.15 11.88
N GLY A 104 8.06 -24.56 12.25
CA GLY A 104 7.57 -24.30 13.59
C GLY A 104 7.30 -22.83 13.87
N LEU A 105 7.46 -21.97 12.85
CA LEU A 105 7.02 -20.59 13.01
C LEU A 105 5.55 -20.48 12.64
N THR A 106 4.68 -20.28 13.64
CA THR A 106 3.26 -20.05 13.37
C THR A 106 2.72 -18.72 13.92
N TRP A 107 1.46 -18.40 13.67
CA TRP A 107 0.85 -17.21 14.26
C TRP A 107 0.96 -17.18 15.80
N ASN A 108 1.06 -18.36 16.40
CA ASN A 108 1.03 -18.48 17.85
C ASN A 108 2.41 -18.37 18.50
N SER A 109 3.44 -18.33 17.67
CA SER A 109 4.79 -18.19 18.16
C SER A 109 5.46 -17.02 17.46
N LEU A 110 4.69 -16.00 17.11
CA LEU A 110 5.24 -14.79 16.51
C LEU A 110 5.96 -13.91 17.53
N LYS A 111 5.63 -14.04 18.81
CA LYS A 111 6.26 -13.20 19.83
C LYS A 111 7.78 -13.33 19.89
N ASP A 112 8.46 -12.18 19.90
CA ASP A 112 9.91 -12.12 19.95
C ASP A 112 10.63 -12.55 18.66
N LYS A 113 9.90 -12.62 17.56
CA LYS A 113 10.50 -12.80 16.24
C LYS A 113 10.71 -11.48 15.50
N LYS A 114 11.29 -11.53 14.31
CA LYS A 114 11.61 -10.31 13.59
C LYS A 114 10.63 -10.00 12.45
N SER A 115 9.99 -8.84 12.50
CA SER A 115 8.90 -8.51 11.57
C SER A 115 9.24 -7.47 10.51
N CYS A 116 8.66 -7.67 9.32
CA CYS A 116 8.77 -6.71 8.22
C CYS A 116 7.40 -6.14 7.86
N HIS A 117 7.23 -4.85 8.07
CA HIS A 117 5.99 -4.16 7.73
C HIS A 117 6.17 -3.20 6.56
N THR A 118 5.13 -3.04 5.76
CA THR A 118 5.15 -2.08 4.66
C THR A 118 5.51 -0.66 5.15
N ALA A 119 4.76 -0.16 6.12
CA ALA A 119 5.06 1.12 6.76
C ALA A 119 4.04 1.34 7.87
N VAL A 120 4.36 2.14 8.88
CA VAL A 120 3.35 2.44 9.87
C VAL A 120 2.09 3.05 9.21
N ASP A 121 0.93 2.78 9.80
CA ASP A 121 -0.39 3.29 9.38
C ASP A 121 -1.01 2.70 8.10
N ARG A 122 -0.37 1.70 7.50
CA ARG A 122 -0.95 1.05 6.32
C ARG A 122 -1.76 -0.20 6.70
N THR A 123 -2.70 -0.59 5.86
CA THR A 123 -3.64 -1.67 6.13
C THR A 123 -3.05 -3.08 6.39
N ALA A 124 -2.44 -3.63 5.35
CA ALA A 124 -1.89 -4.98 5.40
C ALA A 124 -0.58 -4.98 6.17
N GLY A 125 0.21 -3.91 6.07
CA GLY A 125 1.48 -3.92 6.76
C GLY A 125 1.45 -3.56 8.23
N TRP A 126 0.38 -2.89 8.68
CA TRP A 126 0.34 -2.39 10.07
C TRP A 126 -0.98 -2.56 10.81
N ASN A 127 -2.02 -1.86 10.38
CA ASN A 127 -3.33 -1.89 11.04
C ASN A 127 -3.94 -3.26 11.21
N ILE A 128 -3.94 -4.07 10.15
CA ILE A 128 -4.57 -5.38 10.28
C ILE A 128 -3.80 -6.22 11.29
N PRO A 129 -2.49 -6.41 11.08
CA PRO A 129 -1.77 -7.30 11.97
C PRO A 129 -1.54 -6.77 13.39
N MET A 130 -1.25 -5.48 13.54
CA MET A 130 -1.04 -4.92 14.87
C MET A 130 -2.38 -4.81 15.60
N GLY A 131 -3.45 -4.68 14.82
CA GLY A 131 -4.80 -4.68 15.38
C GLY A 131 -5.07 -6.02 16.04
N LEU A 132 -4.78 -7.11 15.33
CA LEU A 132 -5.00 -8.42 15.90
C LEU A 132 -4.07 -8.66 17.10
N ILE A 133 -2.80 -8.34 16.97
CA ILE A 133 -1.89 -8.58 18.09
C ILE A 133 -2.25 -7.80 19.35
N VAL A 134 -2.83 -6.59 19.23
CA VAL A 134 -3.29 -5.84 20.41
C VAL A 134 -4.46 -6.55 21.10
N ASN A 135 -5.50 -6.87 20.34
CA ASN A 135 -6.67 -7.57 20.83
C ASN A 135 -6.33 -8.93 21.46
N GLN A 136 -5.55 -9.74 20.75
CA GLN A 136 -5.11 -11.04 21.29
C GLN A 136 -4.30 -10.84 22.56
N THR A 137 -3.48 -9.79 22.57
CA THR A 137 -2.53 -9.59 23.66
C THR A 137 -3.07 -8.80 24.85
N GLY A 138 -4.19 -8.11 24.65
CA GLY A 138 -4.75 -7.24 25.65
C GLY A 138 -3.74 -6.24 26.18
N SER A 139 -2.76 -5.88 25.36
CA SER A 139 -1.83 -4.80 25.72
C SER A 139 -1.55 -3.85 24.55
N CYS A 140 -1.39 -2.56 24.84
CA CYS A 140 -1.07 -1.58 23.81
C CYS A 140 0.42 -1.50 23.54
N ALA A 141 1.19 -2.38 24.16
CA ALA A 141 2.62 -2.33 23.97
C ALA A 141 3.08 -3.05 22.70
N PHE A 142 2.43 -2.76 21.57
CA PHE A 142 2.78 -3.41 20.29
C PHE A 142 4.22 -3.15 19.85
N ASP A 143 4.85 -2.13 20.42
CA ASP A 143 6.23 -1.81 20.12
C ASP A 143 7.21 -2.72 20.87
N GLU A 144 6.68 -3.66 21.63
CA GLU A 144 7.50 -4.62 22.37
C GLU A 144 7.14 -6.08 22.07
N PHE A 145 6.34 -6.33 21.03
CA PHE A 145 5.87 -7.68 20.71
C PHE A 145 6.96 -8.38 19.94
N PHE A 146 7.41 -7.73 18.87
CA PHE A 146 8.50 -8.22 18.04
C PHE A 146 9.83 -7.73 18.59
N SER A 147 10.88 -8.55 18.49
CA SER A 147 12.15 -8.16 19.08
C SER A 147 12.75 -6.99 18.29
N GLN A 148 12.66 -7.11 16.97
CA GLN A 148 13.10 -6.04 16.07
C GLN A 148 12.27 -6.09 14.81
N SER A 149 12.02 -4.93 14.23
CA SER A 149 11.22 -4.85 13.02
C SER A 149 11.80 -3.84 12.07
N CYS A 150 11.23 -3.81 10.86
CA CYS A 150 11.34 -2.63 10.03
C CYS A 150 9.92 -2.14 9.79
N ALA A 151 9.60 -0.96 10.33
CA ALA A 151 8.25 -0.40 10.30
C ALA A 151 8.40 1.06 9.88
N PRO A 152 8.60 1.32 8.58
CA PRO A 152 8.85 2.67 8.12
C PRO A 152 7.83 3.65 8.66
N GLY A 153 8.31 4.75 9.23
CA GLY A 153 7.42 5.69 9.86
C GLY A 153 7.52 5.69 11.37
N ALA A 154 8.19 4.72 11.95
CA ALA A 154 8.28 4.71 13.40
C ALA A 154 9.59 5.41 13.77
N ASP A 155 9.86 5.56 15.07
CA ASP A 155 11.05 6.25 15.55
C ASP A 155 12.35 5.53 15.19
N PRO A 156 13.19 6.16 14.35
CA PRO A 156 14.45 5.56 13.91
C PRO A 156 15.29 4.98 15.06
N LYS A 157 15.21 5.56 16.24
CA LYS A 157 16.00 5.06 17.36
C LYS A 157 15.34 3.88 18.05
N SER A 158 14.10 3.56 17.68
CA SER A 158 13.41 2.43 18.28
C SER A 158 13.70 1.08 17.63
N ARG A 159 13.30 0.03 18.34
CA ARG A 159 13.42 -1.34 17.86
C ARG A 159 12.57 -1.57 16.61
N LEU A 160 11.43 -0.88 16.54
CA LEU A 160 10.60 -0.88 15.34
C LEU A 160 11.24 -0.42 14.03
N CYS A 161 12.45 0.14 14.09
CA CYS A 161 13.20 0.55 12.88
C CYS A 161 14.53 -0.21 12.71
N ALA A 162 14.85 -1.09 13.65
CA ALA A 162 16.14 -1.75 13.72
C ALA A 162 16.53 -2.47 12.45
N LEU A 163 15.55 -2.99 11.72
CA LEU A 163 15.85 -3.83 10.57
C LEU A 163 15.81 -3.08 9.24
N CYS A 164 15.41 -1.81 9.27
CA CYS A 164 15.36 -0.97 8.08
C CYS A 164 16.75 -0.52 7.65
N ALA A 165 16.98 -0.43 6.35
CA ALA A 165 18.33 -0.17 5.87
C ALA A 165 18.62 1.24 5.37
N GLY A 166 17.58 2.04 5.13
CA GLY A 166 17.79 3.30 4.41
C GLY A 166 18.18 3.08 2.96
N ASP A 167 18.74 4.11 2.32
CA ASP A 167 19.02 4.08 0.89
C ASP A 167 20.38 3.48 0.61
N ASP A 168 20.90 3.70 -0.60
CA ASP A 168 22.20 3.16 -1.02
C ASP A 168 23.34 3.59 -0.12
N GLN A 169 23.29 4.82 0.37
CA GLN A 169 24.31 5.30 1.29
C GLN A 169 23.92 5.08 2.75
N GLY A 170 22.82 4.36 3.01
CA GLY A 170 22.34 4.16 4.37
C GLY A 170 21.72 5.36 5.08
N LEU A 171 21.35 6.40 4.31
CA LEU A 171 20.66 7.57 4.87
C LEU A 171 19.15 7.35 4.78
N ASP A 172 18.37 8.21 5.42
CA ASP A 172 16.93 8.06 5.40
C ASP A 172 16.41 6.75 5.99
N LYS A 173 17.23 6.11 6.82
CA LYS A 173 16.83 4.90 7.56
C LYS A 173 15.43 5.04 8.14
N CYS A 174 14.59 4.09 7.79
CA CYS A 174 13.18 4.06 8.18
C CYS A 174 12.21 5.04 7.47
N VAL A 175 12.66 6.00 6.66
CA VAL A 175 11.67 6.97 6.15
C VAL A 175 10.53 6.24 5.48
N PRO A 176 9.29 6.74 5.64
CA PRO A 176 8.22 5.97 5.04
C PRO A 176 8.02 6.37 3.59
N ASN A 177 9.06 6.23 2.79
CA ASN A 177 8.95 6.38 1.35
C ASN A 177 9.95 5.45 0.69
N SER A 178 9.90 5.32 -0.63
CA SER A 178 10.69 4.30 -1.32
C SER A 178 12.20 4.48 -1.27
N LYS A 179 12.70 5.56 -0.69
CA LYS A 179 14.14 5.66 -0.45
C LYS A 179 14.58 4.57 0.52
N GLU A 180 13.63 4.05 1.29
CA GLU A 180 13.92 2.97 2.19
C GLU A 180 13.88 1.63 1.43
N LYS A 181 15.00 0.91 1.50
CA LYS A 181 15.12 -0.41 0.89
C LYS A 181 13.94 -1.31 1.24
N TYR A 182 13.46 -1.23 2.48
CA TYR A 182 12.39 -2.10 2.96
C TYR A 182 11.01 -1.45 3.11
N TYR A 183 10.68 -0.47 2.26
CA TYR A 183 9.38 0.21 2.34
C TYR A 183 8.30 -0.42 1.44
N GLY A 184 7.06 -0.40 1.88
CA GLY A 184 5.97 -0.90 1.03
C GLY A 184 5.89 -2.40 0.78
N TYR A 185 4.99 -2.81 -0.10
CA TYR A 185 4.76 -4.22 -0.25
C TYR A 185 6.05 -4.95 -0.62
N THR A 186 6.75 -4.40 -1.60
CA THR A 186 7.96 -5.01 -2.09
C THR A 186 9.04 -4.95 -1.01
N GLY A 187 9.26 -3.77 -0.45
CA GLY A 187 10.27 -3.60 0.59
C GLY A 187 10.09 -4.60 1.70
N ALA A 188 8.87 -4.74 2.18
CA ALA A 188 8.61 -5.67 3.27
C ALA A 188 8.90 -7.12 2.86
N PHE A 189 8.57 -7.48 1.62
CA PHE A 189 8.81 -8.83 1.13
C PHE A 189 10.32 -9.12 0.92
N ARG A 190 11.06 -8.10 0.51
CA ARG A 190 12.49 -8.24 0.29
C ARG A 190 13.10 -8.51 1.65
N CYS A 191 12.58 -7.77 2.63
CA CYS A 191 13.01 -7.84 4.01
C CYS A 191 12.94 -9.30 4.47
N LEU A 192 11.99 -10.04 3.94
CA LEU A 192 11.85 -11.45 4.30
C LEU A 192 12.68 -12.31 3.37
N ALA A 193 12.70 -11.97 2.09
CA ALA A 193 13.41 -12.79 1.12
C ALA A 193 14.89 -12.84 1.48
N GLU A 194 15.38 -11.77 2.10
CA GLU A 194 16.80 -11.67 2.43
C GLU A 194 17.07 -12.15 3.85
N ASP A 195 16.04 -12.72 4.48
CA ASP A 195 16.16 -13.30 5.81
C ASP A 195 16.57 -12.29 6.87
N VAL A 196 16.38 -11.01 6.55
CA VAL A 196 16.48 -9.95 7.54
C VAL A 196 15.40 -10.16 8.60
N GLY A 197 14.19 -10.44 8.16
CA GLY A 197 13.09 -10.69 9.10
C GLY A 197 12.59 -12.12 9.11
N ASP A 198 11.76 -12.45 10.08
CA ASP A 198 11.15 -13.78 10.17
C ASP A 198 9.74 -13.82 9.56
N VAL A 199 9.01 -12.71 9.62
CA VAL A 199 7.69 -12.59 9.02
C VAL A 199 7.48 -11.27 8.27
N ALA A 200 6.60 -11.30 7.29
CA ALA A 200 6.31 -10.15 6.44
C ALA A 200 4.80 -10.03 6.33
N PHE A 201 4.32 -8.84 6.65
CA PHE A 201 2.91 -8.52 6.54
C PHE A 201 2.66 -7.69 5.28
N VAL A 202 2.20 -8.39 4.23
CA VAL A 202 1.99 -7.81 2.92
C VAL A 202 0.62 -8.24 2.38
N LYS A 203 0.47 -8.26 1.06
CA LYS A 203 -0.75 -8.77 0.44
C LYS A 203 -0.40 -9.98 -0.44
N ASN A 204 -1.42 -10.79 -0.73
CA ASN A 204 -1.27 -12.02 -1.50
C ASN A 204 -0.56 -11.76 -2.82
N ASP A 205 -0.88 -10.63 -3.43
CA ASP A 205 -0.37 -10.29 -4.75
C ASP A 205 1.15 -10.17 -4.72
N THR A 206 1.69 -9.79 -3.57
CA THR A 206 3.11 -9.48 -3.48
C THR A 206 3.98 -10.73 -3.61
N VAL A 207 3.55 -11.85 -3.05
CA VAL A 207 4.30 -13.11 -3.11
C VAL A 207 4.37 -13.61 -4.56
N TRP A 208 3.22 -13.67 -5.22
CA TRP A 208 3.15 -14.05 -6.64
C TRP A 208 3.97 -13.14 -7.55
N GLU A 209 3.81 -11.84 -7.42
CA GLU A 209 4.47 -10.87 -8.29
C GLU A 209 6.00 -10.87 -8.19
N ASN A 210 6.54 -11.35 -7.07
CA ASN A 210 7.98 -11.32 -6.87
C ASN A 210 8.66 -12.67 -6.74
N THR A 211 7.97 -13.73 -7.16
CA THR A 211 8.52 -15.08 -7.15
C THR A 211 8.28 -15.73 -8.50
N ASN A 212 8.96 -16.85 -8.73
CA ASN A 212 8.96 -17.62 -9.98
C ASN A 212 9.21 -16.78 -11.24
N GLY A 213 10.31 -16.03 -11.22
CA GLY A 213 10.70 -15.21 -12.37
C GLY A 213 9.78 -14.08 -12.81
N GLU A 214 8.88 -13.64 -11.94
CA GLU A 214 8.00 -12.53 -12.28
C GLU A 214 8.70 -11.17 -12.17
N SER A 215 9.71 -11.09 -11.29
CA SER A 215 10.38 -9.82 -10.98
C SER A 215 11.68 -9.49 -11.72
N THR A 216 12.52 -10.50 -11.99
CA THR A 216 13.79 -10.28 -12.70
C THR A 216 14.72 -9.30 -11.97
N ALA A 217 14.26 -8.78 -10.84
CA ALA A 217 15.12 -7.99 -9.96
C ALA A 217 16.12 -8.94 -9.33
N ASP A 218 17.31 -8.42 -9.03
CA ASP A 218 18.41 -9.23 -8.52
C ASP A 218 18.09 -9.99 -7.23
N TRP A 219 17.27 -9.43 -6.36
CA TRP A 219 16.97 -10.10 -5.10
C TRP A 219 15.81 -11.08 -5.21
N ALA A 220 15.01 -10.96 -6.26
CA ALA A 220 13.86 -11.83 -6.48
C ALA A 220 14.09 -12.89 -7.55
N LYS A 221 15.02 -12.60 -8.46
CA LYS A 221 15.50 -13.56 -9.47
C LYS A 221 15.17 -15.02 -9.16
N ASN A 222 15.67 -15.47 -8.00
CA ASN A 222 15.61 -16.87 -7.64
C ASN A 222 14.61 -17.21 -6.54
N LEU A 223 13.62 -16.37 -6.32
CA LEU A 223 12.64 -16.72 -5.32
C LEU A 223 11.59 -17.68 -5.90
N LYS A 224 11.38 -18.78 -5.18
CA LYS A 224 10.35 -19.76 -5.48
C LYS A 224 9.21 -19.69 -4.46
N ARG A 225 7.96 -19.57 -4.93
CA ARG A 225 6.75 -19.58 -4.09
C ARG A 225 6.75 -20.75 -3.12
N GLU A 226 7.21 -21.90 -3.64
CA GLU A 226 7.25 -23.14 -2.87
C GLU A 226 8.08 -23.00 -1.58
N ASP A 227 8.93 -21.97 -1.53
CA ASP A 227 9.80 -21.70 -0.38
C ASP A 227 9.17 -20.75 0.61
N PHE A 228 7.91 -20.41 0.37
CA PHE A 228 7.18 -19.51 1.23
C PHE A 228 5.88 -20.16 1.72
N ARG A 229 5.50 -19.85 2.96
CA ARG A 229 4.24 -20.30 3.56
C ARG A 229 3.46 -19.11 4.10
N LEU A 230 2.14 -19.17 4.01
CA LEU A 230 1.24 -18.24 4.69
C LEU A 230 0.99 -18.67 6.14
N LEU A 231 0.88 -17.71 7.06
CA LEU A 231 0.44 -17.98 8.42
C LEU A 231 -1.04 -17.63 8.60
N CYS A 232 -1.85 -18.58 9.07
CA CYS A 232 -3.27 -18.37 9.30
C CYS A 232 -3.64 -18.15 10.78
N LEU A 233 -4.78 -17.53 11.03
CA LEU A 233 -5.15 -17.23 12.41
C LEU A 233 -5.46 -18.47 13.25
N ASP A 234 -5.64 -19.64 12.63
CA ASP A 234 -5.91 -20.85 13.40
C ASP A 234 -4.66 -21.65 13.79
N GLY A 235 -3.48 -21.05 13.67
CA GLY A 235 -2.23 -21.72 14.05
C GLY A 235 -1.62 -22.55 12.94
N THR A 236 -2.34 -22.71 11.85
CA THR A 236 -1.88 -23.54 10.74
C THR A 236 -0.91 -22.83 9.77
N ARG A 237 -0.32 -23.57 8.84
CA ARG A 237 0.56 -23.00 7.82
C ARG A 237 0.20 -23.58 6.47
N LYS A 238 -0.07 -22.70 5.51
CA LYS A 238 -0.49 -23.15 4.19
C LYS A 238 0.36 -22.54 3.08
N PRO A 239 0.37 -23.20 1.91
CA PRO A 239 0.98 -22.74 0.66
C PRO A 239 0.39 -21.43 0.17
N VAL A 240 1.13 -20.69 -0.65
CA VAL A 240 0.70 -19.34 -0.99
C VAL A 240 -0.42 -19.44 -2.00
N THR A 241 -0.79 -20.67 -2.32
CA THR A 241 -1.87 -20.93 -3.27
C THR A 241 -3.21 -20.93 -2.55
N GLU A 242 -3.14 -21.00 -1.23
CA GLU A 242 -4.32 -21.16 -0.41
C GLU A 242 -4.63 -19.86 0.30
N ALA A 243 -4.40 -18.74 -0.38
CA ALA A 243 -4.57 -17.44 0.26
C ALA A 243 -6.03 -17.15 0.60
N GLN A 244 -6.96 -17.79 -0.11
CA GLN A 244 -8.37 -17.50 0.06
C GLN A 244 -8.91 -18.08 1.37
N SER A 245 -8.18 -19.00 1.97
CA SER A 245 -8.61 -19.65 3.23
C SER A 245 -7.59 -19.49 4.34
N CYS A 246 -6.72 -18.50 4.20
CA CYS A 246 -5.62 -18.27 5.12
C CYS A 246 -5.07 -16.84 4.96
N HIS A 247 -5.90 -15.86 5.32
CA HIS A 247 -5.52 -14.46 5.30
C HIS A 247 -5.96 -13.80 6.60
N LEU A 248 -5.36 -12.65 6.93
CA LEU A 248 -5.72 -11.91 8.13
C LEU A 248 -6.98 -11.07 7.93
N ALA A 249 -7.26 -10.69 6.69
CA ALA A 249 -8.36 -9.79 6.37
C ALA A 249 -8.38 -9.44 4.90
N VAL A 250 -9.53 -8.97 4.42
CA VAL A 250 -9.58 -8.40 3.08
C VAL A 250 -9.57 -6.88 3.24
N ALA A 251 -8.81 -6.20 2.40
CA ALA A 251 -8.56 -4.79 2.59
C ALA A 251 -9.13 -4.02 1.41
N PRO A 252 -9.71 -2.84 1.67
CA PRO A 252 -10.23 -2.00 0.60
C PRO A 252 -9.13 -1.49 -0.35
N ASN A 253 -9.38 -1.55 -1.65
CA ASN A 253 -8.34 -1.16 -2.61
C ASN A 253 -7.76 0.22 -2.33
N HIS A 254 -6.53 0.43 -2.78
CA HIS A 254 -5.97 1.76 -2.71
C HIS A 254 -6.83 2.67 -3.59
N ALA A 255 -7.17 3.85 -3.09
CA ALA A 255 -7.95 4.82 -3.86
C ALA A 255 -7.26 6.18 -3.98
N VAL A 256 -7.57 6.88 -5.08
CA VAL A 256 -7.23 8.30 -5.27
C VAL A 256 -8.13 9.22 -4.44
N VAL A 257 -7.50 10.11 -3.67
CA VAL A 257 -8.24 11.07 -2.85
C VAL A 257 -8.00 12.51 -3.27
N SER A 258 -8.88 13.40 -2.81
CA SER A 258 -8.75 14.83 -3.05
C SER A 258 -9.66 15.57 -2.08
N ARG A 259 -9.53 16.89 -2.01
CA ARG A 259 -10.49 17.72 -1.31
C ARG A 259 -11.86 17.59 -1.99
N SER A 260 -12.94 17.64 -1.22
CA SER A 260 -14.26 17.44 -1.82
C SER A 260 -14.60 18.49 -2.88
N ASP A 261 -14.19 19.72 -2.65
CA ASP A 261 -14.49 20.79 -3.61
C ASP A 261 -13.79 20.58 -4.96
N ARG A 262 -12.89 19.58 -5.01
CA ARG A 262 -12.04 19.33 -6.17
C ARG A 262 -12.29 17.99 -6.83
N ALA A 263 -12.98 17.09 -6.12
CA ALA A 263 -13.25 15.74 -6.60
C ALA A 263 -13.64 15.66 -8.07
N ALA A 264 -14.63 16.44 -8.47
CA ALA A 264 -15.17 16.30 -9.82
C ALA A 264 -14.09 16.56 -10.86
N HIS A 265 -13.26 17.56 -10.61
CA HIS A 265 -12.27 18.01 -11.56
C HIS A 265 -11.16 16.97 -11.60
N VAL A 266 -10.82 16.42 -10.44
CA VAL A 266 -9.80 15.40 -10.39
C VAL A 266 -10.28 14.18 -11.17
N GLU A 267 -11.55 13.85 -11.01
CA GLU A 267 -12.13 12.67 -11.63
C GLU A 267 -12.10 12.74 -13.16
N GLN A 268 -12.60 13.85 -13.72
CA GLN A 268 -12.62 14.01 -15.16
C GLN A 268 -11.21 13.93 -15.78
N VAL A 269 -10.26 14.68 -15.24
CA VAL A 269 -8.88 14.55 -15.74
C VAL A 269 -8.35 13.12 -15.65
N LEU A 270 -8.61 12.43 -14.54
CA LEU A 270 -7.95 11.14 -14.34
C LEU A 270 -8.45 10.08 -15.31
N LEU A 271 -9.75 10.12 -15.57
CA LEU A 271 -10.40 9.24 -16.56
C LEU A 271 -9.84 9.43 -17.98
N HIS A 272 -9.65 10.69 -18.39
CA HIS A 272 -9.00 11.01 -19.66
C HIS A 272 -7.52 10.62 -19.68
N GLN A 273 -6.82 10.83 -18.58
CA GLN A 273 -5.40 10.48 -18.50
C GLN A 273 -5.18 8.98 -18.71
N GLN A 274 -6.10 8.18 -18.15
CA GLN A 274 -6.01 6.72 -18.26
C GLN A 274 -6.40 6.17 -19.64
N ALA A 275 -7.35 6.83 -20.30
CA ALA A 275 -7.64 6.46 -21.67
C ALA A 275 -6.41 6.62 -22.55
N LEU A 276 -5.44 7.40 -22.07
CA LEU A 276 -4.21 7.68 -22.82
C LEU A 276 -3.02 6.85 -22.34
N PHE A 277 -2.94 6.60 -21.03
CA PHE A 277 -1.76 5.95 -20.44
C PHE A 277 -2.07 4.74 -19.56
N GLY A 278 -3.33 4.30 -19.55
CA GLY A 278 -3.69 3.09 -18.80
C GLY A 278 -3.31 1.84 -19.57
N LYS A 279 -3.96 0.72 -19.22
CA LYS A 279 -3.61 -0.60 -19.75
C LYS A 279 -3.69 -0.72 -21.27
N ASN A 280 -4.74 -0.18 -21.86
CA ASN A 280 -4.82 -0.19 -23.32
C ASN A 280 -4.79 1.23 -23.87
N GLY A 281 -4.21 2.16 -23.12
CA GLY A 281 -4.25 3.56 -23.49
C GLY A 281 -3.65 3.86 -24.86
N LYS A 282 -4.02 5.01 -25.43
CA LYS A 282 -3.54 5.39 -26.76
C LYS A 282 -2.03 5.29 -26.80
N ASN A 283 -1.37 5.80 -25.75
CA ASN A 283 0.08 6.00 -25.74
C ASN A 283 0.88 5.20 -24.73
N CYS A 284 0.29 4.16 -24.14
CA CYS A 284 0.97 3.43 -23.06
C CYS A 284 2.18 2.70 -23.59
N PRO A 285 1.97 1.47 -24.11
CA PRO A 285 3.19 0.72 -24.39
C PRO A 285 4.23 1.64 -25.05
N ASP A 286 3.83 2.30 -26.14
CA ASP A 286 4.71 3.17 -26.95
C ASP A 286 5.41 4.31 -26.21
N LYS A 287 4.64 5.22 -25.62
CA LYS A 287 5.28 6.39 -25.02
C LYS A 287 5.42 6.29 -23.49
N PHE A 288 4.31 6.10 -22.77
CA PHE A 288 4.35 6.10 -21.30
C PHE A 288 3.16 5.39 -20.64
N CYS A 289 3.43 4.57 -19.62
CA CYS A 289 2.35 3.90 -18.88
C CYS A 289 2.23 4.30 -17.41
N LEU A 290 1.07 4.83 -17.03
CA LEU A 290 0.80 5.28 -15.67
C LEU A 290 0.97 4.14 -14.68
N PHE A 291 0.74 2.92 -15.13
CA PHE A 291 0.69 1.76 -14.25
C PHE A 291 1.90 0.82 -14.36
N LYS A 292 3.02 1.27 -14.93
CA LYS A 292 4.24 0.49 -14.82
C LYS A 292 5.36 1.28 -14.16
N SER A 293 6.21 0.57 -13.44
CA SER A 293 7.38 1.13 -12.76
C SER A 293 8.28 0.00 -12.27
N GLU A 294 8.37 -1.08 -13.05
CA GLU A 294 9.27 -2.20 -12.76
C GLU A 294 9.17 -2.74 -11.33
N THR A 295 8.01 -3.28 -10.97
CA THR A 295 7.81 -3.92 -9.66
C THR A 295 7.87 -2.94 -8.47
N LYS A 296 7.96 -1.64 -8.75
CA LYS A 296 8.23 -0.66 -7.72
C LYS A 296 7.04 0.10 -7.13
N ASN A 297 5.85 -0.09 -7.70
CA ASN A 297 4.59 0.46 -7.15
C ASN A 297 4.64 1.97 -6.92
N LEU A 298 5.06 2.72 -7.95
CA LEU A 298 5.24 4.16 -7.88
C LEU A 298 3.97 4.81 -8.36
N LEU A 299 3.40 5.71 -7.56
CA LEU A 299 2.12 6.37 -7.83
C LEU A 299 0.89 5.47 -7.77
N PHE A 300 0.97 4.30 -8.40
CA PHE A 300 -0.13 3.35 -8.39
C PHE A 300 0.51 1.97 -8.19
N ASN A 301 -0.25 0.96 -7.79
CA ASN A 301 0.28 -0.40 -7.74
C ASN A 301 0.46 -0.88 -9.16
N ASP A 302 1.55 -1.60 -9.36
CA ASP A 302 1.87 -2.17 -10.67
C ASP A 302 0.79 -3.07 -11.25
N ASN A 303 -0.04 -3.68 -10.40
CA ASN A 303 -1.08 -4.60 -10.90
C ASN A 303 -2.44 -3.95 -11.13
N THR A 304 -2.43 -2.66 -11.47
CA THR A 304 -3.69 -1.95 -11.67
C THR A 304 -4.16 -2.13 -13.12
N GLU A 305 -5.36 -2.70 -13.28
CA GLU A 305 -5.95 -2.74 -14.60
C GLU A 305 -6.40 -1.35 -15.00
N CYS A 306 -7.17 -0.71 -14.12
CA CYS A 306 -7.62 0.65 -14.32
C CYS A 306 -8.03 1.23 -12.99
N LEU A 307 -8.20 2.54 -12.97
CA LEU A 307 -8.90 3.20 -11.88
C LEU A 307 -10.42 3.17 -12.13
N ALA A 308 -11.20 2.84 -11.11
CA ALA A 308 -12.63 2.65 -11.28
C ALA A 308 -13.48 3.71 -10.59
N LYS A 309 -14.63 4.03 -11.18
CA LYS A 309 -15.64 4.89 -10.57
C LYS A 309 -16.19 4.16 -9.36
N LEU A 310 -16.76 4.89 -8.40
CA LEU A 310 -17.13 4.25 -7.15
C LEU A 310 -18.60 3.81 -7.09
N GLY A 311 -19.51 4.71 -7.44
CA GLY A 311 -20.91 4.30 -7.55
C GLY A 311 -21.47 4.19 -6.14
N GLY A 312 -22.47 5.01 -5.85
CA GLY A 312 -22.99 5.13 -4.49
C GLY A 312 -22.32 6.30 -3.80
N ARG A 313 -21.69 7.14 -4.61
CA ARG A 313 -20.89 8.26 -4.14
C ARG A 313 -20.54 8.19 -2.66
N PRO A 314 -19.72 7.19 -2.30
CA PRO A 314 -19.45 6.83 -0.92
C PRO A 314 -18.63 7.89 -0.22
N THR A 315 -18.83 7.96 1.10
CA THR A 315 -17.98 8.73 1.97
C THR A 315 -16.85 7.81 2.45
N TYR A 316 -15.78 8.40 3.00
CA TYR A 316 -14.61 7.61 3.30
C TYR A 316 -14.94 6.44 4.23
N GLU A 317 -15.89 6.62 5.15
CA GLU A 317 -16.24 5.55 6.06
C GLU A 317 -16.97 4.44 5.32
N GLU A 318 -17.74 4.81 4.31
CA GLU A 318 -18.43 3.81 3.51
C GLU A 318 -17.47 3.10 2.58
N TYR A 319 -16.52 3.85 2.04
CA TYR A 319 -15.51 3.27 1.17
C TYR A 319 -14.68 2.22 1.91
N LEU A 320 -14.23 2.55 3.12
CA LEU A 320 -13.42 1.63 3.88
C LEU A 320 -14.32 0.56 4.50
N GLY A 321 -15.57 0.93 4.79
CA GLY A 321 -16.53 0.04 5.45
C GLY A 321 -16.42 -0.01 6.97
N THR A 322 -17.54 -0.32 7.64
CA THR A 322 -17.61 -0.34 9.12
C THR A 322 -16.60 -1.26 9.81
N GLU A 323 -16.45 -2.45 9.25
CA GLU A 323 -15.49 -3.44 9.72
C GLU A 323 -14.10 -2.86 9.97
N TYR A 324 -13.44 -2.43 8.90
CA TYR A 324 -12.11 -1.85 8.97
C TYR A 324 -12.09 -0.58 9.82
N VAL A 325 -13.14 0.23 9.71
CA VAL A 325 -13.11 1.52 10.38
C VAL A 325 -13.09 1.32 11.88
N THR A 326 -13.66 0.23 12.36
CA THR A 326 -13.65 0.03 13.80
C THR A 326 -12.33 -0.59 14.21
N ALA A 327 -11.70 -1.30 13.28
CA ALA A 327 -10.38 -1.88 13.54
C ALA A 327 -9.35 -0.78 13.79
N ILE A 328 -9.32 0.22 12.90
CA ILE A 328 -8.41 1.36 13.02
C ILE A 328 -8.70 2.23 14.24
N ALA A 329 -9.97 2.49 14.51
CA ALA A 329 -10.36 3.28 15.68
C ALA A 329 -9.90 2.60 16.97
N ASN A 330 -10.24 1.32 17.15
CA ASN A 330 -9.75 0.54 18.28
C ASN A 330 -8.24 0.58 18.44
N LEU A 331 -7.51 0.44 17.33
CA LEU A 331 -6.05 0.38 17.38
C LEU A 331 -5.47 1.75 17.70
N LYS A 332 -6.20 2.80 17.32
CA LYS A 332 -5.77 4.17 17.54
C LYS A 332 -6.04 4.64 18.97
N LYS A 333 -6.70 3.81 19.77
CA LYS A 333 -6.92 4.12 21.18
C LYS A 333 -5.64 3.88 22.00
N CYS A 334 -4.81 2.95 21.54
CA CYS A 334 -3.48 2.74 22.11
C CYS A 334 -2.48 3.88 21.86
N SER A 335 -2.40 4.36 20.63
CA SER A 335 -1.35 5.31 20.25
C SER A 335 -1.57 6.73 20.82
N LEU A 340 -11.49 12.34 20.91
CA LEU A 340 -10.38 12.02 20.01
C LEU A 340 -10.88 11.84 18.57
N GLU A 341 -11.88 12.64 18.20
CA GLU A 341 -12.36 12.70 16.83
C GLU A 341 -11.92 14.02 16.19
N ALA A 342 -10.76 14.04 15.53
CA ALA A 342 -10.28 15.27 14.90
C ALA A 342 -9.28 15.02 13.78
N CYS A 343 -9.03 16.05 12.97
CA CYS A 343 -7.99 16.02 11.96
C CYS A 343 -6.61 16.06 12.63
N ALA A 344 -5.77 15.08 12.28
CA ALA A 344 -4.45 14.90 12.87
C ALA A 344 -3.56 16.13 12.72
N PHE A 345 -3.91 17.00 11.78
CA PHE A 345 -3.11 18.20 11.55
C PHE A 345 -3.92 19.42 11.93
#